data_4WPC
#
_entry.id   4WPC
#
_cell.length_a   178.993
_cell.length_b   74.110
_cell.length_c   105.734
_cell.angle_alpha   90.00
_cell.angle_beta   104.27
_cell.angle_gamma   90.00
#
_symmetry.space_group_name_H-M   'C 1 2 1'
#
loop_
_entity.id
_entity.type
_entity.pdbx_description
1 polymer 'RHO GTPase-activating protein RGD1'
2 non-polymer 'INOSITOL HEXAKISPHOSPHATE'
3 water water
#
_entity_poly.entity_id   1
_entity_poly.type   'polypeptide(L)'
_entity_poly.pdbx_seq_one_letter_code
;MHHHHHHDDLAHLFSTPEIKKVLNSDVAINALLSRLKQSLLTCEEFMKFIRKKYAFEEEHVQELSKQYKHFFNIQGSTNS
SLKKMIHEVLGFDGKMAQVKQSYITALQKMYSEISSLLLTMTKLRKSVKENSKRLEKDVSDAIHSAEKAQSRYNSLCQDW
DKLRMTDPTKTKLTLRGSKTTKEQEEELLRKIDNADLEYKQKVDHSNSLRNTFITKERPRIVQELKDLILEIDTAMTIQL
QKYTIWTENLVLNTGVTISPLDSTKSMKSFAGSVSNERDLYSFLNKYNQTGKHSLLINKNLIPVSYKKHPSMNHGQK
;
_entity_poly.pdbx_strand_id   A,B
#
loop_
_chem_comp.id
_chem_comp.type
_chem_comp.name
_chem_comp.formula
IHP non-polymer 'INOSITOL HEXAKISPHOSPHATE' 'C6 H18 O24 P6'
#
# COMPACT_ATOMS: atom_id res chain seq x y z
N PHE A 14 -11.32 -41.43 -17.09
CA PHE A 14 -12.33 -40.94 -18.03
C PHE A 14 -13.27 -42.06 -18.45
N SER A 15 -14.43 -42.13 -17.80
CA SER A 15 -15.45 -43.13 -18.12
C SER A 15 -14.91 -44.56 -18.00
N THR A 16 -14.30 -44.85 -16.86
CA THR A 16 -13.74 -46.19 -16.62
C THR A 16 -14.87 -47.12 -16.23
N PRO A 17 -14.60 -48.44 -16.17
CA PRO A 17 -15.63 -49.35 -15.65
C PRO A 17 -15.97 -49.06 -14.19
N GLU A 18 -14.96 -48.71 -13.40
CA GLU A 18 -15.16 -48.32 -12.01
C GLU A 18 -16.03 -47.06 -11.92
N ILE A 19 -15.58 -46.01 -12.58
CA ILE A 19 -16.31 -44.74 -12.62
C ILE A 19 -17.74 -44.95 -13.12
N LYS A 20 -17.86 -45.67 -14.24
CA LYS A 20 -19.17 -45.99 -14.80
C LYS A 20 -19.99 -46.82 -13.82
N LYS A 21 -19.31 -47.66 -13.05
CA LYS A 21 -19.97 -48.47 -12.02
C LYS A 21 -20.52 -47.58 -10.91
N VAL A 22 -19.71 -46.66 -10.41
CA VAL A 22 -20.15 -45.77 -9.32
C VAL A 22 -21.18 -44.76 -9.81
N LEU A 23 -21.07 -44.33 -11.07
CA LEU A 23 -22.01 -43.37 -11.63
C LEU A 23 -23.41 -43.95 -11.77
N ASN A 24 -23.51 -45.28 -11.76
CA ASN A 24 -24.79 -45.96 -11.95
C ASN A 24 -25.58 -46.09 -10.66
N SER A 25 -24.91 -45.95 -9.52
CA SER A 25 -25.57 -46.11 -8.22
C SER A 25 -26.41 -44.90 -7.86
N ASP A 26 -27.02 -44.94 -6.67
CA ASP A 26 -27.96 -43.91 -6.25
C ASP A 26 -27.26 -42.68 -5.68
N VAL A 27 -26.27 -42.92 -4.83
CA VAL A 27 -25.58 -41.84 -4.11
C VAL A 27 -24.91 -40.83 -5.06
N ALA A 28 -24.64 -41.25 -6.28
CA ALA A 28 -23.95 -40.43 -7.27
C ALA A 28 -24.58 -39.03 -7.39
N ILE A 29 -25.86 -39.02 -7.71
CA ILE A 29 -26.59 -37.80 -8.00
C ILE A 29 -26.52 -36.80 -6.84
N ASN A 30 -26.53 -37.31 -5.61
CA ASN A 30 -26.38 -36.44 -4.44
C ASN A 30 -24.93 -36.00 -4.27
N ALA A 31 -24.02 -36.94 -4.46
CA ALA A 31 -22.60 -36.71 -4.29
C ALA A 31 -22.09 -35.58 -5.17
N LEU A 32 -22.31 -35.68 -6.48
CA LEU A 32 -21.76 -34.66 -7.37
C LEU A 32 -22.52 -33.34 -7.22
N LEU A 33 -23.73 -33.39 -6.69
CA LEU A 33 -24.43 -32.16 -6.33
C LEU A 33 -23.65 -31.47 -5.21
N SER A 34 -23.35 -32.23 -4.16
CA SER A 34 -22.54 -31.72 -3.07
C SER A 34 -21.22 -31.15 -3.59
N ARG A 35 -20.55 -31.91 -4.43
CA ARG A 35 -19.31 -31.46 -5.07
C ARG A 35 -19.49 -30.11 -5.77
N LEU A 36 -20.51 -30.03 -6.62
CA LEU A 36 -20.82 -28.79 -7.33
C LEU A 36 -21.00 -27.64 -6.34
N LYS A 37 -21.74 -27.91 -5.27
CA LYS A 37 -21.91 -26.91 -4.21
C LYS A 37 -20.55 -26.43 -3.69
N GLN A 38 -19.68 -27.38 -3.36
CA GLN A 38 -18.32 -27.01 -2.93
C GLN A 38 -17.66 -26.07 -3.94
N SER A 39 -17.72 -26.44 -5.22
CA SER A 39 -17.18 -25.58 -6.27
C SER A 39 -17.75 -24.16 -6.20
N LEU A 40 -19.08 -24.06 -6.11
CA LEU A 40 -19.72 -22.76 -5.95
C LEU A 40 -19.13 -21.99 -4.76
N LEU A 41 -18.95 -22.70 -3.65
CA LEU A 41 -18.32 -22.10 -2.47
C LEU A 41 -16.92 -21.57 -2.76
N THR A 42 -16.09 -22.36 -3.44
CA THR A 42 -14.77 -21.87 -3.83
C THR A 42 -14.90 -20.56 -4.61
N CYS A 43 -15.80 -20.55 -5.60
CA CYS A 43 -16.06 -19.34 -6.37
C CYS A 43 -16.37 -18.14 -5.47
N GLU A 44 -17.40 -18.26 -4.63
CA GLU A 44 -17.80 -17.15 -3.75
C GLU A 44 -16.63 -16.68 -2.87
N GLU A 45 -15.90 -17.64 -2.33
CA GLU A 45 -14.72 -17.34 -1.51
C GLU A 45 -13.74 -16.46 -2.28
N PHE A 46 -13.37 -16.93 -3.48
CA PHE A 46 -12.43 -16.18 -4.31
C PHE A 46 -12.98 -14.78 -4.60
N MET A 47 -14.26 -14.67 -4.92
CA MET A 47 -14.91 -13.37 -5.07
C MET A 47 -14.59 -12.45 -3.89
N LYS A 48 -14.98 -12.89 -2.69
CA LYS A 48 -14.76 -12.11 -1.49
C LYS A 48 -13.29 -11.67 -1.35
N PHE A 49 -12.38 -12.62 -1.50
CA PHE A 49 -10.96 -12.31 -1.42
C PHE A 49 -10.54 -11.22 -2.40
N ILE A 50 -10.88 -11.42 -3.67
CA ILE A 50 -10.56 -10.43 -4.70
C ILE A 50 -11.14 -9.07 -4.33
N ARG A 51 -12.37 -9.04 -3.84
CA ARG A 51 -12.98 -7.77 -3.47
C ARG A 51 -12.13 -7.04 -2.41
N LYS A 52 -11.85 -7.73 -1.30
CA LYS A 52 -11.03 -7.13 -0.25
C LYS A 52 -9.68 -6.63 -0.79
N LYS A 53 -9.05 -7.50 -1.57
CA LYS A 53 -7.78 -7.18 -2.23
C LYS A 53 -7.85 -5.87 -3.02
N TYR A 54 -8.73 -5.84 -4.02
CA TYR A 54 -8.80 -4.68 -4.90
C TYR A 54 -9.23 -3.45 -4.11
N ALA A 55 -10.03 -3.65 -3.07
CA ALA A 55 -10.40 -2.54 -2.20
C ALA A 55 -9.17 -1.88 -1.61
N PHE A 56 -8.41 -2.62 -0.79
CA PHE A 56 -7.31 -1.97 -0.10
C PHE A 56 -6.18 -1.58 -1.07
N GLU A 57 -6.03 -2.33 -2.15
CA GLU A 57 -5.07 -1.93 -3.18
C GLU A 57 -5.48 -0.60 -3.82
N GLU A 58 -6.77 -0.46 -4.11
CA GLU A 58 -7.30 0.81 -4.62
C GLU A 58 -6.96 1.92 -3.64
N GLU A 59 -7.22 1.69 -2.36
CA GLU A 59 -6.82 2.63 -1.31
C GLU A 59 -5.34 3.03 -1.46
N HIS A 60 -4.47 2.03 -1.50
CA HIS A 60 -3.03 2.25 -1.66
C HIS A 60 -2.74 3.15 -2.86
N VAL A 61 -3.30 2.81 -4.00
CA VAL A 61 -3.13 3.62 -5.21
C VAL A 61 -3.52 5.07 -4.97
N GLN A 62 -4.75 5.26 -4.51
CA GLN A 62 -5.27 6.60 -4.26
C GLN A 62 -4.29 7.44 -3.46
N GLU A 63 -3.91 6.99 -2.28
CA GLU A 63 -2.97 7.76 -1.46
C GLU A 63 -1.66 7.93 -2.13
N LEU A 64 -1.17 6.88 -2.72
CA LEU A 64 0.11 6.97 -3.42
C LEU A 64 0.09 8.15 -4.39
N SER A 65 -0.91 8.17 -5.25
CA SER A 65 -1.04 9.21 -6.26
C SER A 65 -1.20 10.58 -5.62
N LYS A 66 -2.07 10.67 -4.64
CA LYS A 66 -2.32 11.96 -3.99
C LYS A 66 -1.10 12.52 -3.26
N GLN A 67 -0.45 11.70 -2.45
CA GLN A 67 0.56 12.21 -1.50
C GLN A 67 1.77 12.89 -2.15
N TYR A 68 2.23 12.37 -3.28
CA TYR A 68 3.46 12.89 -3.90
C TYR A 68 3.26 14.27 -4.53
N LYS A 69 2.01 14.63 -4.79
CA LYS A 69 1.73 15.90 -5.46
C LYS A 69 1.90 17.09 -4.51
N HIS A 70 1.96 16.80 -3.21
CA HIS A 70 2.41 17.79 -2.24
C HIS A 70 3.94 17.76 -2.24
N PHE A 71 4.55 18.69 -1.53
CA PHE A 71 6.01 18.71 -1.37
C PHE A 71 6.76 18.99 -2.68
N PHE A 72 7.40 20.15 -2.75
CA PHE A 72 8.26 20.52 -3.87
C PHE A 72 7.49 20.64 -5.19
N ASN A 73 6.17 20.67 -5.11
CA ASN A 73 5.34 20.86 -6.29
C ASN A 73 5.52 22.24 -6.91
N ILE A 74 6.07 23.16 -6.14
CA ILE A 74 6.33 24.51 -6.61
C ILE A 74 7.44 24.53 -7.66
N GLN A 75 7.32 25.44 -8.62
CA GLN A 75 8.33 25.61 -9.66
C GLN A 75 9.43 26.55 -9.18
N ASN A 79 14.04 27.25 -7.74
CA ASN A 79 15.20 27.31 -8.61
C ASN A 79 16.42 26.62 -8.00
N SER A 80 16.46 25.29 -8.13
CA SER A 80 17.57 24.50 -7.62
C SER A 80 17.52 23.09 -8.19
N SER A 81 18.65 22.40 -8.15
CA SER A 81 18.76 21.05 -8.72
C SER A 81 18.09 20.01 -7.81
N LEU A 82 18.51 20.00 -6.55
CA LEU A 82 18.07 19.00 -5.58
C LEU A 82 16.54 18.91 -5.50
N LYS A 83 15.91 20.05 -5.29
CA LYS A 83 14.46 20.13 -5.21
C LYS A 83 13.82 19.53 -6.47
N LYS A 84 14.40 19.85 -7.61
CA LYS A 84 13.95 19.29 -8.89
C LYS A 84 14.04 17.76 -8.86
N MET A 85 15.21 17.24 -8.51
CA MET A 85 15.41 15.79 -8.48
C MET A 85 14.38 15.10 -7.57
N ILE A 86 14.19 15.65 -6.38
CA ILE A 86 13.18 15.14 -5.48
C ILE A 86 11.81 15.15 -6.17
N HIS A 87 11.45 16.29 -6.75
CA HIS A 87 10.22 16.40 -7.52
C HIS A 87 10.09 15.22 -8.49
N GLU A 88 11.18 14.94 -9.21
CA GLU A 88 11.18 13.85 -10.19
C GLU A 88 10.94 12.46 -9.56
N VAL A 89 11.66 12.13 -8.48
CA VAL A 89 11.45 10.82 -7.86
C VAL A 89 10.02 10.67 -7.29
N LEU A 90 9.46 11.78 -6.79
CA LEU A 90 8.05 11.75 -6.41
C LEU A 90 7.17 11.50 -7.67
N GLY A 91 7.57 12.10 -8.79
CA GLY A 91 6.98 11.75 -10.08
C GLY A 91 6.98 10.25 -10.33
N PHE A 92 8.14 9.61 -10.13
CA PHE A 92 8.23 8.15 -10.22
C PHE A 92 7.13 7.50 -9.37
N ASP A 93 7.03 7.93 -8.12
CA ASP A 93 5.92 7.47 -7.26
C ASP A 93 4.58 7.52 -8.01
N GLY A 94 4.26 8.69 -8.56
CA GLY A 94 3.06 8.84 -9.38
C GLY A 94 2.89 7.78 -10.48
N LYS A 95 3.95 7.60 -11.27
CA LYS A 95 3.94 6.59 -12.33
C LYS A 95 3.60 5.20 -11.80
N MET A 96 4.29 4.80 -10.73
CA MET A 96 4.01 3.53 -10.07
C MET A 96 2.52 3.41 -9.76
N ALA A 97 1.98 4.45 -9.14
CA ALA A 97 0.56 4.49 -8.84
C ALA A 97 -0.29 4.20 -10.08
N GLN A 98 -0.01 4.90 -11.18
CA GLN A 98 -0.79 4.66 -12.42
C GLN A 98 -0.74 3.18 -12.86
N VAL A 99 0.44 2.58 -12.82
CA VAL A 99 0.55 1.14 -13.12
C VAL A 99 -0.39 0.32 -12.22
N LYS A 100 -0.27 0.52 -10.92
CA LYS A 100 -1.10 -0.22 -9.98
C LYS A 100 -2.60 0.03 -10.26
N GLN A 101 -2.94 1.24 -10.67
CA GLN A 101 -4.32 1.54 -11.07
C GLN A 101 -4.77 0.60 -12.18
N SER A 102 -3.95 0.48 -13.22
CA SER A 102 -4.25 -0.50 -14.28
C SER A 102 -4.52 -1.89 -13.67
N TYR A 103 -3.63 -2.31 -12.78
CA TYR A 103 -3.80 -3.61 -12.11
C TYR A 103 -5.16 -3.76 -11.38
N ILE A 104 -5.53 -2.78 -10.56
CA ILE A 104 -6.80 -2.88 -9.84
C ILE A 104 -7.99 -2.90 -10.80
N THR A 105 -7.90 -2.13 -11.89
CA THR A 105 -8.92 -2.21 -12.93
C THR A 105 -9.10 -3.66 -13.39
N ALA A 106 -7.99 -4.29 -13.77
CA ALA A 106 -8.03 -5.70 -14.15
C ALA A 106 -8.74 -6.55 -13.10
N LEU A 107 -8.31 -6.38 -11.85
CA LEU A 107 -8.94 -7.12 -10.74
C LEU A 107 -10.46 -6.96 -10.69
N GLN A 108 -10.93 -5.71 -10.75
CA GLN A 108 -12.37 -5.42 -10.77
C GLN A 108 -13.07 -6.20 -11.88
N LYS A 109 -12.55 -6.06 -13.10
CA LYS A 109 -13.10 -6.80 -14.24
C LYS A 109 -13.27 -8.29 -13.89
N MET A 110 -12.17 -8.89 -13.42
CA MET A 110 -12.19 -10.28 -13.02
C MET A 110 -13.33 -10.57 -12.06
N TYR A 111 -13.37 -9.82 -10.97
CA TYR A 111 -14.41 -9.98 -9.95
C TYR A 111 -15.80 -10.03 -10.59
N SER A 112 -16.13 -9.01 -11.38
CA SER A 112 -17.44 -8.98 -12.05
C SER A 112 -17.69 -10.28 -12.82
N GLU A 113 -16.72 -10.67 -13.63
CA GLU A 113 -16.87 -11.91 -14.40
C GLU A 113 -17.19 -13.12 -13.52
N ILE A 114 -16.34 -13.39 -12.53
CA ILE A 114 -16.54 -14.62 -11.73
C ILE A 114 -17.83 -14.49 -10.91
N SER A 115 -18.24 -13.27 -10.58
CA SER A 115 -19.54 -13.09 -9.93
C SER A 115 -20.66 -13.58 -10.84
N SER A 116 -20.72 -13.05 -12.06
CA SER A 116 -21.72 -13.49 -13.02
C SER A 116 -21.74 -15.01 -13.17
N LEU A 117 -20.54 -15.57 -13.32
CA LEU A 117 -20.36 -17.02 -13.34
C LEU A 117 -21.10 -17.68 -12.17
N LEU A 118 -20.70 -17.31 -10.96
CA LEU A 118 -21.26 -17.89 -9.75
C LEU A 118 -22.79 -17.82 -9.73
N LEU A 119 -23.33 -16.64 -10.04
CA LEU A 119 -24.77 -16.48 -10.17
C LEU A 119 -25.38 -17.56 -11.06
N THR A 120 -24.94 -17.57 -12.32
CA THR A 120 -25.46 -18.52 -13.29
C THR A 120 -25.41 -19.94 -12.75
N MET A 121 -24.24 -20.35 -12.28
CA MET A 121 -24.03 -21.72 -11.87
C MET A 121 -24.90 -22.11 -10.67
N THR A 122 -25.00 -21.23 -9.68
CA THR A 122 -25.90 -21.48 -8.55
C THR A 122 -27.31 -21.74 -9.04
N LYS A 123 -27.83 -20.81 -9.85
CA LYS A 123 -29.17 -20.95 -10.40
C LYS A 123 -29.36 -22.30 -11.10
N LEU A 124 -28.43 -22.61 -12.00
CA LEU A 124 -28.46 -23.85 -12.76
C LEU A 124 -28.50 -25.09 -11.86
N ARG A 125 -27.59 -25.13 -10.89
CA ARG A 125 -27.56 -26.22 -9.91
C ARG A 125 -28.91 -26.37 -9.23
N LYS A 126 -29.46 -25.25 -8.76
CA LYS A 126 -30.79 -25.26 -8.15
C LYS A 126 -31.80 -25.97 -9.03
N SER A 127 -31.89 -25.51 -10.29
CA SER A 127 -32.79 -26.15 -11.26
C SER A 127 -32.59 -27.67 -11.34
N VAL A 128 -31.35 -28.08 -11.62
CA VAL A 128 -31.05 -29.50 -11.77
C VAL A 128 -31.48 -30.30 -10.54
N LYS A 129 -31.11 -29.79 -9.36
CA LYS A 129 -31.45 -30.47 -8.11
C LYS A 129 -32.96 -30.64 -7.97
N GLU A 130 -33.70 -29.56 -8.19
CA GLU A 130 -35.16 -29.63 -8.18
C GLU A 130 -35.66 -30.76 -9.06
N ASN A 131 -35.25 -30.73 -10.32
CA ASN A 131 -35.66 -31.76 -11.30
C ASN A 131 -35.40 -33.16 -10.76
N SER A 132 -34.15 -33.40 -10.36
CA SER A 132 -33.74 -34.66 -9.75
C SER A 132 -34.68 -35.12 -8.64
N LYS A 133 -34.83 -34.28 -7.63
CA LYS A 133 -35.68 -34.58 -6.48
C LYS A 133 -37.08 -34.98 -6.93
N ARG A 134 -37.66 -34.19 -7.82
CA ARG A 134 -38.99 -34.48 -8.34
C ARG A 134 -39.07 -35.89 -8.95
N LEU A 135 -38.22 -36.16 -9.93
CA LEU A 135 -38.23 -37.47 -10.60
C LEU A 135 -38.06 -38.63 -9.61
N GLU A 136 -37.01 -38.54 -8.80
CA GLU A 136 -36.70 -39.59 -7.82
C GLU A 136 -37.90 -39.82 -6.90
N LYS A 137 -38.49 -38.73 -6.39
CA LYS A 137 -39.66 -38.84 -5.55
C LYS A 137 -40.77 -39.61 -6.27
N ASP A 138 -41.09 -39.17 -7.49
CA ASP A 138 -42.13 -39.85 -8.27
C ASP A 138 -41.92 -41.36 -8.31
N VAL A 139 -40.72 -41.77 -8.72
CA VAL A 139 -40.40 -43.20 -8.76
C VAL A 139 -40.64 -43.84 -7.39
N SER A 140 -40.02 -43.29 -6.36
CA SER A 140 -40.07 -43.89 -5.03
C SER A 140 -41.51 -44.07 -4.53
N ASP A 141 -42.33 -43.03 -4.66
CA ASP A 141 -43.69 -43.11 -4.15
C ASP A 141 -44.52 -44.08 -5.00
N ALA A 142 -44.26 -44.13 -6.30
CA ALA A 142 -44.89 -45.15 -7.14
C ALA A 142 -44.60 -46.55 -6.59
N ILE A 143 -43.32 -46.81 -6.32
CA ILE A 143 -42.92 -48.06 -5.66
C ILE A 143 -43.72 -48.27 -4.37
N HIS A 144 -43.76 -47.22 -3.55
CA HIS A 144 -44.50 -47.27 -2.29
C HIS A 144 -45.94 -47.77 -2.49
N SER A 145 -46.67 -47.10 -3.38
CA SER A 145 -48.05 -47.49 -3.67
C SER A 145 -48.11 -48.96 -4.09
N ALA A 146 -47.20 -49.35 -4.98
CA ALA A 146 -47.14 -50.75 -5.41
C ALA A 146 -47.01 -51.70 -4.22
N GLU A 147 -46.00 -51.49 -3.37
CA GLU A 147 -45.79 -52.42 -2.26
C GLU A 147 -46.95 -52.39 -1.26
N LYS A 148 -47.59 -51.24 -1.09
CA LYS A 148 -48.82 -51.18 -0.30
C LYS A 148 -49.89 -52.13 -0.85
N ALA A 149 -50.20 -51.96 -2.14
CA ALA A 149 -51.17 -52.84 -2.80
C ALA A 149 -50.78 -54.31 -2.65
N GLN A 150 -49.49 -54.59 -2.83
CA GLN A 150 -48.96 -55.93 -2.59
C GLN A 150 -49.35 -56.43 -1.21
N SER A 151 -49.03 -55.64 -0.18
CA SER A 151 -49.36 -56.01 1.20
C SER A 151 -50.84 -56.34 1.34
N ARG A 152 -51.70 -55.46 0.84
CA ARG A 152 -53.15 -55.74 0.87
C ARG A 152 -53.48 -57.10 0.27
N TYR A 153 -53.06 -57.29 -0.98
CA TYR A 153 -53.30 -58.53 -1.70
C TYR A 153 -52.85 -59.75 -0.87
N ASN A 154 -51.61 -59.72 -0.42
CA ASN A 154 -51.06 -60.82 0.37
C ASN A 154 -51.85 -61.07 1.66
N SER A 155 -52.30 -59.99 2.30
CA SER A 155 -53.13 -60.13 3.50
C SER A 155 -54.43 -60.87 3.20
N LEU A 156 -55.17 -60.39 2.20
CA LEU A 156 -56.42 -61.05 1.83
C LEU A 156 -56.17 -62.51 1.49
N CYS A 157 -55.16 -62.74 0.66
CA CYS A 157 -54.79 -64.10 0.28
C CYS A 157 -54.38 -64.92 1.49
N GLN A 158 -53.76 -64.28 2.48
CA GLN A 158 -53.36 -64.97 3.69
C GLN A 158 -54.58 -65.43 4.48
N ASP A 159 -55.60 -64.58 4.56
CA ASP A 159 -56.87 -65.01 5.16
C ASP A 159 -57.48 -66.18 4.38
N TRP A 160 -57.62 -65.99 3.07
CA TRP A 160 -58.14 -67.07 2.23
C TRP A 160 -57.29 -68.33 2.40
N ASP A 161 -56.00 -68.16 2.66
CA ASP A 161 -55.12 -69.28 2.94
C ASP A 161 -55.48 -69.88 4.30
N LYS A 162 -55.76 -68.98 5.25
CA LYS A 162 -56.13 -69.39 6.60
C LYS A 162 -57.36 -70.29 6.55
N LEU A 163 -58.26 -70.00 5.61
CA LEU A 163 -59.41 -70.89 5.38
C LEU A 163 -59.01 -72.36 5.31
N ARG A 164 -58.19 -72.72 4.32
CA ARG A 164 -57.79 -74.12 4.13
C ARG A 164 -56.76 -74.53 5.17
N LYS A 170 -57.38 -80.45 9.98
CA LYS A 170 -56.82 -79.19 10.47
C LYS A 170 -57.44 -78.82 11.81
N THR A 171 -57.54 -79.82 12.69
CA THR A 171 -58.15 -79.69 14.02
C THR A 171 -59.36 -78.74 14.04
N LYS A 172 -60.30 -78.98 13.14
CA LYS A 172 -61.51 -78.16 13.04
C LYS A 172 -62.77 -79.03 13.05
N LEU A 173 -63.90 -78.41 13.37
CA LEU A 173 -65.20 -79.09 13.38
C LEU A 173 -66.05 -78.72 12.16
N THR A 174 -66.88 -79.66 11.73
CA THR A 174 -67.84 -79.45 10.63
C THR A 174 -67.02 -78.74 9.50
N LEU A 175 -67.38 -77.66 8.77
CA LEU A 175 -68.63 -76.92 8.69
C LEU A 175 -69.08 -76.88 7.23
N ARG A 176 -70.20 -77.52 6.92
CA ARG A 176 -70.78 -77.44 5.59
C ARG A 176 -71.19 -75.99 5.29
N GLY A 177 -71.43 -75.23 6.35
CA GLY A 177 -71.71 -73.81 6.23
C GLY A 177 -73.09 -73.51 5.70
N SER A 178 -73.41 -72.22 5.65
CA SER A 178 -74.70 -71.75 5.14
C SER A 178 -74.48 -70.71 4.05
N LYS A 179 -75.58 -70.10 3.60
CA LYS A 179 -75.52 -69.09 2.54
C LYS A 179 -74.59 -67.94 2.92
N THR A 180 -74.57 -67.60 4.20
CA THR A 180 -73.77 -66.49 4.70
C THR A 180 -72.28 -66.71 4.45
N THR A 181 -71.78 -67.88 4.85
CA THR A 181 -70.36 -68.20 4.72
C THR A 181 -69.98 -68.28 3.25
N LYS A 182 -70.86 -68.85 2.45
CA LYS A 182 -70.65 -68.96 1.01
C LYS A 182 -70.54 -67.56 0.39
N GLU A 183 -71.49 -66.70 0.74
CA GLU A 183 -71.49 -65.32 0.26
C GLU A 183 -70.20 -64.63 0.67
N GLN A 184 -69.78 -64.85 1.92
CA GLN A 184 -68.51 -64.31 2.40
C GLN A 184 -67.35 -64.78 1.52
N GLU A 185 -67.30 -66.09 1.27
CA GLU A 185 -66.27 -66.67 0.41
C GLU A 185 -66.24 -65.97 -0.95
N GLU A 186 -67.38 -66.00 -1.65
CA GLU A 186 -67.48 -65.37 -2.97
C GLU A 186 -67.04 -63.90 -2.96
N GLU A 187 -67.59 -63.13 -2.02
CA GLU A 187 -67.25 -61.73 -1.87
C GLU A 187 -65.73 -61.55 -1.70
N LEU A 188 -65.15 -62.36 -0.81
CA LEU A 188 -63.72 -62.28 -0.57
C LEU A 188 -62.91 -62.63 -1.82
N LEU A 189 -63.37 -63.63 -2.57
CA LEU A 189 -62.72 -63.96 -3.84
C LEU A 189 -62.73 -62.76 -4.78
N ARG A 190 -63.90 -62.13 -4.94
CA ARG A 190 -63.98 -60.92 -5.76
C ARG A 190 -62.97 -59.86 -5.28
N LYS A 191 -62.99 -59.61 -3.98
CA LYS A 191 -62.05 -58.68 -3.35
C LYS A 191 -60.60 -58.99 -3.73
N ILE A 192 -60.22 -60.26 -3.58
CA ILE A 192 -58.86 -60.70 -3.88
C ILE A 192 -58.56 -60.53 -5.37
N ASP A 193 -59.52 -60.82 -6.23
CA ASP A 193 -59.35 -60.62 -7.67
C ASP A 193 -59.01 -59.16 -7.97
N ASN A 194 -59.85 -58.25 -7.48
CA ASN A 194 -59.60 -56.82 -7.67
C ASN A 194 -58.24 -56.39 -7.13
N ALA A 195 -57.98 -56.75 -5.88
CA ALA A 195 -56.69 -56.45 -5.26
C ALA A 195 -55.53 -57.00 -6.08
N ASP A 196 -55.72 -58.18 -6.65
CA ASP A 196 -54.70 -58.81 -7.48
C ASP A 196 -54.43 -58.00 -8.75
N LEU A 197 -55.51 -57.60 -9.43
CA LEU A 197 -55.36 -56.78 -10.62
C LEU A 197 -54.61 -55.49 -10.29
N GLU A 198 -55.09 -54.74 -9.29
CA GLU A 198 -54.44 -53.47 -8.95
C GLU A 198 -52.98 -53.71 -8.56
N TYR A 199 -52.76 -54.80 -7.81
CA TYR A 199 -51.41 -55.22 -7.45
C TYR A 199 -50.53 -55.30 -8.69
N LYS A 200 -50.89 -56.21 -9.59
CA LYS A 200 -50.11 -56.42 -10.82
C LYS A 200 -49.84 -55.11 -11.57
N GLN A 201 -50.91 -54.37 -11.88
CA GLN A 201 -50.75 -53.18 -12.70
C GLN A 201 -49.89 -52.11 -12.01
N LYS A 202 -50.08 -51.93 -10.70
CA LYS A 202 -49.26 -50.99 -9.96
C LYS A 202 -47.79 -51.41 -9.94
N VAL A 203 -47.53 -52.71 -9.77
CA VAL A 203 -46.15 -53.20 -9.84
C VAL A 203 -45.53 -52.88 -11.19
N ASP A 204 -46.21 -53.27 -12.27
CA ASP A 204 -45.68 -53.02 -13.60
C ASP A 204 -45.44 -51.53 -13.83
N HIS A 205 -46.37 -50.70 -13.38
CA HIS A 205 -46.21 -49.26 -13.43
C HIS A 205 -44.93 -48.80 -12.73
N SER A 206 -44.81 -49.19 -11.45
CA SER A 206 -43.65 -48.82 -10.65
C SER A 206 -42.35 -49.22 -11.33
N ASN A 207 -42.26 -50.48 -11.74
CA ASN A 207 -41.06 -50.98 -12.39
C ASN A 207 -40.77 -50.25 -13.70
N SER A 208 -41.80 -49.99 -14.48
CA SER A 208 -41.65 -49.21 -15.71
C SER A 208 -41.02 -47.86 -15.41
N LEU A 209 -41.67 -47.10 -14.53
CA LEU A 209 -41.15 -45.78 -14.15
C LEU A 209 -39.71 -45.88 -13.66
N ARG A 210 -39.46 -46.80 -12.74
CA ARG A 210 -38.14 -46.98 -12.16
C ARG A 210 -37.10 -47.21 -13.26
N ASN A 211 -37.32 -48.23 -14.09
CA ASN A 211 -36.34 -48.54 -15.13
C ASN A 211 -36.14 -47.38 -16.09
N THR A 212 -37.23 -46.70 -16.44
CA THR A 212 -37.12 -45.50 -17.27
C THR A 212 -36.22 -44.48 -16.60
N PHE A 213 -36.37 -44.32 -15.28
CA PHE A 213 -35.53 -43.40 -14.53
C PHE A 213 -34.06 -43.85 -14.49
N ILE A 214 -33.84 -45.11 -14.15
CA ILE A 214 -32.48 -45.63 -14.01
C ILE A 214 -31.72 -45.63 -15.33
N THR A 215 -32.40 -45.98 -16.41
CA THR A 215 -31.71 -46.15 -17.70
C THR A 215 -31.49 -44.83 -18.46
N LYS A 216 -32.43 -43.89 -18.33
CA LYS A 216 -32.39 -42.68 -19.15
C LYS A 216 -32.08 -41.41 -18.36
N GLU A 217 -32.92 -41.10 -17.36
CA GLU A 217 -32.85 -39.83 -16.66
C GLU A 217 -31.59 -39.69 -15.80
N ARG A 218 -31.36 -40.66 -14.92
CA ARG A 218 -30.24 -40.62 -13.98
C ARG A 218 -28.89 -40.30 -14.64
N PRO A 219 -28.49 -41.12 -15.63
CA PRO A 219 -27.20 -40.88 -16.29
C PRO A 219 -27.12 -39.50 -16.94
N ARG A 220 -28.25 -39.05 -17.47
CA ARG A 220 -28.37 -37.72 -18.07
C ARG A 220 -28.12 -36.62 -17.02
N ILE A 221 -28.78 -36.76 -15.87
CA ILE A 221 -28.58 -35.81 -14.78
C ILE A 221 -27.12 -35.79 -14.32
N VAL A 222 -26.57 -36.96 -13.99
CA VAL A 222 -25.19 -37.00 -13.50
C VAL A 222 -24.22 -36.50 -14.58
N GLN A 223 -24.55 -36.78 -15.84
CA GLN A 223 -23.79 -36.25 -16.97
C GLN A 223 -23.75 -34.72 -16.90
N GLU A 224 -24.94 -34.13 -16.83
CA GLU A 224 -25.07 -32.68 -16.73
C GLU A 224 -24.26 -32.13 -15.55
N LEU A 225 -24.44 -32.70 -14.36
CA LEU A 225 -23.73 -32.22 -13.18
C LEU A 225 -22.21 -32.32 -13.36
N LYS A 226 -21.74 -33.44 -13.88
CA LYS A 226 -20.32 -33.58 -14.21
C LYS A 226 -19.85 -32.43 -15.11
N ASP A 227 -20.56 -32.26 -16.22
CA ASP A 227 -20.25 -31.18 -17.16
C ASP A 227 -20.16 -29.84 -16.44
N LEU A 228 -21.16 -29.53 -15.62
CA LEU A 228 -21.17 -28.29 -14.85
C LEU A 228 -19.93 -28.14 -13.98
N ILE A 229 -19.68 -29.13 -13.13
CA ILE A 229 -18.51 -29.12 -12.24
C ILE A 229 -17.23 -28.84 -13.02
N LEU A 230 -17.01 -29.59 -14.09
CA LEU A 230 -15.80 -29.39 -14.89
C LEU A 230 -15.75 -27.98 -15.46
N GLU A 231 -16.87 -27.52 -16.03
CA GLU A 231 -16.95 -26.16 -16.56
C GLU A 231 -16.51 -25.12 -15.53
N ILE A 232 -17.19 -25.10 -14.38
CA ILE A 232 -16.90 -24.09 -13.36
C ILE A 232 -15.48 -24.23 -12.82
N ASP A 233 -15.03 -25.46 -12.62
CA ASP A 233 -13.67 -25.70 -12.14
C ASP A 233 -12.64 -25.11 -13.10
N THR A 234 -12.74 -25.48 -14.37
CA THR A 234 -11.82 -24.99 -15.38
C THR A 234 -11.85 -23.46 -15.48
N ALA A 235 -13.05 -22.89 -15.52
CA ALA A 235 -13.20 -21.44 -15.56
C ALA A 235 -12.47 -20.75 -14.41
N MET A 236 -12.73 -21.21 -13.20
CA MET A 236 -12.08 -20.65 -12.04
C MET A 236 -10.58 -20.80 -12.07
N THR A 237 -10.09 -21.95 -12.44
CA THR A 237 -8.64 -22.17 -12.53
C THR A 237 -8.01 -21.19 -13.52
N ILE A 238 -8.64 -21.06 -14.69
CA ILE A 238 -8.21 -20.05 -15.66
C ILE A 238 -8.16 -18.70 -14.96
N GLN A 239 -9.24 -18.37 -14.26
CA GLN A 239 -9.30 -17.10 -13.51
C GLN A 239 -8.12 -16.95 -12.54
N LEU A 240 -7.78 -18.02 -11.82
CA LEU A 240 -6.63 -17.99 -10.92
C LEU A 240 -5.34 -17.67 -11.68
N GLN A 241 -5.11 -18.39 -12.77
CA GLN A 241 -3.96 -18.10 -13.62
C GLN A 241 -3.93 -16.64 -14.07
N LYS A 242 -5.09 -16.12 -14.49
CA LYS A 242 -5.21 -14.72 -14.87
C LYS A 242 -4.77 -13.81 -13.71
N TYR A 243 -5.35 -14.01 -12.53
CA TYR A 243 -4.93 -13.26 -11.34
C TYR A 243 -3.41 -13.29 -11.20
N THR A 244 -2.83 -14.47 -11.35
CA THR A 244 -1.38 -14.62 -11.29
C THR A 244 -0.65 -13.72 -12.29
N ILE A 245 -0.95 -13.91 -13.57
CA ILE A 245 -0.21 -13.16 -14.60
C ILE A 245 -0.43 -11.66 -14.42
N TRP A 246 -1.62 -11.27 -13.96
CA TRP A 246 -1.87 -9.85 -13.65
C TRP A 246 -0.93 -9.36 -12.56
N THR A 247 -0.83 -10.13 -11.47
CA THR A 247 0.09 -9.78 -10.39
C THR A 247 1.53 -9.65 -10.88
N GLU A 248 2.05 -10.69 -11.53
CA GLU A 248 3.46 -10.62 -11.95
C GLU A 248 3.65 -9.53 -13.00
N ASN A 249 2.63 -9.27 -13.80
CA ASN A 249 2.65 -8.11 -14.71
C ASN A 249 2.85 -6.82 -13.92
N LEU A 250 2.01 -6.60 -12.92
CA LEU A 250 2.15 -5.44 -12.03
C LEU A 250 3.57 -5.31 -11.52
N VAL A 251 4.03 -6.35 -10.82
CA VAL A 251 5.33 -6.30 -10.17
C VAL A 251 6.44 -6.01 -11.20
N LEU A 252 6.43 -6.75 -12.30
CA LEU A 252 7.42 -6.55 -13.34
C LEU A 252 7.42 -5.13 -13.87
N ASN A 253 6.24 -4.64 -14.26
CA ASN A 253 6.14 -3.33 -14.87
C ASN A 253 6.55 -2.20 -13.94
N THR A 254 6.17 -2.27 -12.66
CA THR A 254 6.69 -1.27 -11.72
C THR A 254 8.22 -1.42 -11.65
N GLY A 255 8.68 -2.66 -11.58
CA GLY A 255 10.09 -2.97 -11.62
C GLY A 255 10.81 -2.33 -12.79
N VAL A 256 10.20 -2.39 -13.97
CA VAL A 256 10.79 -1.79 -15.15
C VAL A 256 10.39 -0.31 -15.28
N THR A 257 9.44 0.13 -14.45
CA THR A 257 9.10 1.56 -14.41
C THR A 257 10.19 2.32 -13.66
N ILE A 258 10.62 1.80 -12.51
CA ILE A 258 11.66 2.46 -11.74
C ILE A 258 13.05 2.35 -12.41
N SER A 259 13.29 1.24 -13.10
CA SER A 259 14.56 1.00 -13.77
C SER A 259 14.33 0.57 -15.23
N PRO A 260 14.02 1.53 -16.11
CA PRO A 260 13.55 1.28 -17.48
C PRO A 260 14.54 0.61 -18.44
N LEU A 261 15.74 0.29 -17.98
CA LEU A 261 16.77 -0.29 -18.86
C LEU A 261 17.34 0.75 -19.83
N ASP A 262 16.68 1.90 -19.92
CA ASP A 262 17.26 3.09 -20.54
C ASP A 262 17.71 3.98 -19.40
N SER A 263 18.96 3.80 -18.98
CA SER A 263 19.49 4.39 -17.75
C SER A 263 19.12 5.86 -17.55
N THR A 264 19.07 6.61 -18.64
CA THR A 264 18.74 8.03 -18.55
C THR A 264 17.35 8.27 -17.95
N LYS A 265 16.55 7.21 -17.88
CA LYS A 265 15.20 7.30 -17.35
C LYS A 265 15.08 6.70 -15.94
N SER A 266 16.17 6.12 -15.45
CA SER A 266 16.17 5.48 -14.13
C SER A 266 15.92 6.50 -13.03
N MET A 267 15.64 6.02 -11.82
CA MET A 267 15.44 6.90 -10.68
C MET A 267 16.80 7.32 -10.12
N LYS A 268 17.70 6.35 -10.03
CA LYS A 268 19.06 6.63 -9.57
C LYS A 268 19.73 7.63 -10.51
N SER A 269 19.28 7.64 -11.76
CA SER A 269 19.78 8.59 -12.75
C SER A 269 19.49 10.03 -12.31
N PHE A 270 18.23 10.29 -11.96
CA PHE A 270 17.84 11.59 -11.43
C PHE A 270 18.56 11.86 -10.12
N ALA A 271 18.49 10.91 -9.20
CA ALA A 271 19.10 11.07 -7.88
C ALA A 271 20.61 11.25 -7.98
N GLY A 272 21.20 10.73 -9.04
CA GLY A 272 22.65 10.80 -9.23
C GLY A 272 23.17 12.18 -9.57
N SER A 273 22.41 12.91 -10.38
CA SER A 273 22.82 14.23 -10.85
C SER A 273 22.23 15.37 -10.01
N VAL A 274 23.08 16.03 -9.24
CA VAL A 274 22.65 17.13 -8.38
C VAL A 274 23.62 18.30 -8.47
N SER A 275 24.86 18.08 -8.02
CA SER A 275 25.88 19.13 -7.99
C SER A 275 25.44 20.34 -7.19
N ASN A 276 25.72 20.32 -5.89
CA ASN A 276 25.32 21.41 -4.99
C ASN A 276 26.25 22.62 -5.13
N GLU A 277 27.54 22.34 -5.32
CA GLU A 277 28.55 23.37 -5.44
C GLU A 277 28.20 24.38 -6.53
N ARG A 278 27.79 23.86 -7.68
CA ARG A 278 27.41 24.70 -8.81
C ARG A 278 26.20 25.57 -8.48
N ASP A 279 25.26 25.02 -7.71
CA ASP A 279 24.06 25.76 -7.33
C ASP A 279 24.39 26.84 -6.29
N LEU A 280 25.33 26.54 -5.41
CA LEU A 280 25.80 27.56 -4.46
C LEU A 280 26.53 28.68 -5.22
N TYR A 281 27.44 28.31 -6.10
CA TYR A 281 28.11 29.29 -6.95
C TYR A 281 27.08 30.10 -7.72
N SER A 282 26.04 29.42 -8.20
CA SER A 282 24.93 30.09 -8.87
C SER A 282 24.29 31.11 -7.95
N PHE A 283 23.99 30.70 -6.72
CA PHE A 283 23.42 31.60 -5.72
C PHE A 283 24.26 32.85 -5.53
N LEU A 284 25.56 32.66 -5.26
CA LEU A 284 26.45 33.80 -5.03
C LEU A 284 26.66 34.66 -6.29
N ASN A 285 27.12 34.02 -7.35
CA ASN A 285 27.30 34.68 -8.64
C ASN A 285 26.05 35.42 -9.08
N LYS A 286 24.89 34.88 -8.73
CA LYS A 286 23.62 35.57 -8.98
C LYS A 286 23.55 36.80 -8.08
N TYR A 287 23.85 36.61 -6.79
CA TYR A 287 23.84 37.72 -5.84
C TYR A 287 24.77 38.86 -6.30
N ASN A 288 25.86 38.50 -6.98
CA ASN A 288 26.76 39.50 -7.54
C ASN A 288 26.05 40.50 -8.45
N GLN A 289 25.40 40.00 -9.50
CA GLN A 289 24.71 40.84 -10.46
C GLN A 289 23.54 41.59 -9.83
N LEU A 296 24.68 46.24 -4.06
CA LEU A 296 24.69 45.40 -2.88
C LEU A 296 23.96 46.08 -1.71
N ILE A 297 24.45 45.89 -0.49
CA ILE A 297 23.86 46.51 0.71
C ILE A 297 24.91 47.17 1.61
N ASN A 298 24.71 48.45 1.95
CA ASN A 298 25.65 49.18 2.83
C ASN A 298 25.76 48.69 4.29
N LYS A 299 24.61 48.44 4.92
CA LYS A 299 24.55 47.96 6.31
C LYS A 299 25.25 48.80 7.41
N ASN A 300 25.22 50.13 7.31
CA ASN A 300 25.85 50.99 8.33
C ASN A 300 27.32 50.62 8.44
N LEU A 301 27.90 50.64 9.64
CA LEU A 301 29.31 50.21 9.72
C LEU A 301 30.20 51.05 8.80
N ILE A 302 29.70 52.22 8.40
CA ILE A 302 30.52 53.21 7.73
C ILE A 302 31.52 53.72 8.76
N PRO A 303 32.83 53.74 8.43
CA PRO A 303 33.80 54.11 9.44
C PRO A 303 33.71 55.59 9.83
N VAL A 304 34.27 55.94 10.98
CA VAL A 304 34.27 57.32 11.46
C VAL A 304 35.58 58.02 11.06
N SER A 305 35.44 59.18 10.44
CA SER A 305 36.59 59.96 10.00
C SER A 305 36.92 61.05 11.02
N TYR A 306 38.22 61.32 11.20
CA TYR A 306 38.70 62.31 12.15
C TYR A 306 39.22 63.55 11.43
N LYS A 307 38.64 64.70 11.77
CA LYS A 307 39.06 65.98 11.20
C LYS A 307 38.72 67.13 12.14
N LYS A 308 39.72 67.95 12.45
CA LYS A 308 39.56 69.09 13.35
C LYS A 308 39.27 70.37 12.58
N HIS A 309 39.16 71.48 13.31
CA HIS A 309 38.91 72.79 12.69
C HIS A 309 39.38 73.93 13.60
N PRO A 310 40.66 74.31 13.49
CA PRO A 310 41.19 75.38 14.34
C PRO A 310 40.61 76.75 14.00
N ASP B 9 35.47 21.55 -12.47
CA ASP B 9 36.68 21.99 -11.79
C ASP B 9 36.37 22.55 -10.41
N LEU B 10 37.14 22.14 -9.41
CA LEU B 10 36.99 22.66 -8.06
C LEU B 10 37.47 24.11 -8.01
N ALA B 11 37.42 24.71 -6.83
CA ALA B 11 37.84 26.10 -6.64
C ALA B 11 36.97 27.03 -7.48
N HIS B 12 35.69 26.69 -7.58
CA HIS B 12 34.72 27.56 -8.23
C HIS B 12 34.43 28.75 -7.31
N LEU B 13 34.53 28.50 -6.01
CA LEU B 13 34.29 29.53 -5.00
C LEU B 13 35.53 30.42 -4.81
N PHE B 14 36.60 30.10 -5.53
CA PHE B 14 37.82 30.90 -5.51
C PHE B 14 37.87 31.87 -6.69
N SER B 15 36.76 31.95 -7.42
CA SER B 15 36.66 32.83 -8.59
C SER B 15 36.65 34.30 -8.18
N THR B 16 36.63 35.19 -9.17
CA THR B 16 36.64 36.63 -8.91
C THR B 16 35.30 37.10 -8.33
N PRO B 17 34.19 36.89 -9.07
CA PRO B 17 32.88 37.25 -8.53
C PRO B 17 32.58 36.60 -7.19
N GLU B 18 32.87 35.32 -7.06
CA GLU B 18 32.64 34.59 -5.82
C GLU B 18 33.41 35.23 -4.67
N ILE B 19 34.72 35.40 -4.84
CA ILE B 19 35.58 35.98 -3.80
C ILE B 19 35.13 37.39 -3.46
N LYS B 20 34.86 38.22 -4.46
CA LYS B 20 34.44 39.58 -4.20
C LYS B 20 33.05 39.59 -3.56
N LYS B 21 32.26 38.57 -3.89
CA LYS B 21 30.92 38.42 -3.30
C LYS B 21 31.00 38.08 -1.81
N VAL B 22 31.82 37.08 -1.47
CA VAL B 22 31.96 36.68 -0.08
C VAL B 22 32.73 37.73 0.73
N LEU B 23 33.74 38.32 0.11
CA LEU B 23 34.53 39.36 0.75
C LEU B 23 33.76 40.68 0.81
N ASN B 24 32.57 40.68 0.20
CA ASN B 24 31.69 41.84 0.20
C ASN B 24 31.01 42.05 1.55
N SER B 25 30.00 42.90 1.56
CA SER B 25 29.34 43.29 2.81
C SER B 25 28.60 42.12 3.47
N ASP B 26 27.82 42.44 4.50
CA ASP B 26 27.09 41.43 5.27
C ASP B 26 26.17 40.58 4.41
N VAL B 27 25.92 41.03 3.17
CA VAL B 27 25.17 40.23 2.22
C VAL B 27 25.66 38.79 2.23
N ALA B 28 26.97 38.60 2.34
CA ALA B 28 27.55 37.26 2.44
C ALA B 28 26.92 36.48 3.58
N ILE B 29 27.06 37.01 4.79
CA ILE B 29 26.61 36.33 5.99
C ILE B 29 25.11 36.07 5.97
N ALA B 31 22.97 36.22 3.43
CA ALA B 31 22.59 35.37 2.31
C ALA B 31 22.86 33.90 2.63
N LEU B 32 24.06 33.61 3.13
CA LEU B 32 24.39 32.23 3.47
C LEU B 32 23.53 31.69 4.60
N LEU B 33 23.24 32.54 5.60
CA LEU B 33 22.32 32.15 6.66
C LEU B 33 20.98 31.76 6.07
N SER B 34 20.42 32.64 5.24
CA SER B 34 19.18 32.37 4.53
C SER B 34 19.24 31.05 3.76
N ARG B 35 20.30 30.88 2.97
CA ARG B 35 20.47 29.67 2.16
C ARG B 35 20.46 28.42 3.04
N LEU B 36 21.18 28.48 4.15
CA LEU B 36 21.20 27.38 5.11
C LEU B 36 19.79 27.12 5.63
N LYS B 37 19.06 28.20 5.91
CA LYS B 37 17.65 28.08 6.27
C LYS B 37 16.87 27.32 5.19
N GLN B 38 17.01 27.74 3.94
CA GLN B 38 16.34 27.07 2.82
C GLN B 38 16.65 25.57 2.78
N SER B 39 17.93 25.23 2.91
CA SER B 39 18.32 23.81 2.98
C SER B 39 17.65 23.09 4.14
N LEU B 40 17.61 23.74 5.30
CA LEU B 40 16.90 23.20 6.46
C LEU B 40 15.42 22.93 6.15
N LEU B 41 14.77 23.89 5.51
CA LEU B 41 13.37 23.72 5.12
C LEU B 41 13.20 22.58 4.12
N THR B 42 14.15 22.45 3.20
CA THR B 42 14.17 21.30 2.30
C THR B 42 14.17 20.01 3.11
N CYS B 43 15.10 19.92 4.05
CA CYS B 43 15.16 18.78 4.97
C CYS B 43 13.81 18.47 5.62
N GLU B 44 13.26 19.47 6.33
CA GLU B 44 11.99 19.28 7.03
C GLU B 44 10.87 18.82 6.09
N GLU B 45 10.77 19.45 4.93
CA GLU B 45 9.76 19.09 3.95
C GLU B 45 9.91 17.63 3.52
N PHE B 46 11.13 17.24 3.17
CA PHE B 46 11.41 15.86 2.81
C PHE B 46 10.98 14.89 3.91
N MET B 47 11.34 15.22 5.14
CA MET B 47 10.89 14.43 6.30
C MET B 47 9.38 14.26 6.27
N LYS B 48 8.65 15.38 6.20
CA LYS B 48 7.19 15.34 6.13
C LYS B 48 6.70 14.35 5.05
N PHE B 49 7.27 14.50 3.86
CA PHE B 49 6.92 13.60 2.76
C PHE B 49 7.11 12.13 3.12
N ILE B 50 8.35 11.74 3.45
CA ILE B 50 8.61 10.33 3.67
C ILE B 50 7.82 9.81 4.87
N ARG B 51 7.49 10.71 5.79
CA ARG B 51 6.60 10.34 6.90
C ARG B 51 5.26 9.89 6.35
N LYS B 52 4.62 10.76 5.57
CA LYS B 52 3.35 10.38 4.91
C LYS B 52 3.50 9.07 4.14
N LYS B 53 4.60 8.96 3.40
CA LYS B 53 4.88 7.75 2.63
C LYS B 53 4.84 6.50 3.50
N TYR B 54 5.77 6.39 4.46
CA TYR B 54 5.88 5.16 5.22
C TYR B 54 4.62 4.93 6.04
N ALA B 55 3.91 6.00 6.35
CA ALA B 55 2.58 5.85 6.95
C ALA B 55 1.64 5.04 6.04
N PHE B 56 1.36 5.55 4.84
CA PHE B 56 0.35 4.84 4.03
C PHE B 56 0.88 3.50 3.50
N GLU B 57 2.19 3.39 3.30
CA GLU B 57 2.78 2.09 2.95
C GLU B 57 2.60 1.11 4.11
N GLU B 58 2.84 1.56 5.34
CA GLU B 58 2.56 0.75 6.53
C GLU B 58 1.12 0.24 6.49
N GLU B 59 0.18 1.16 6.31
CA GLU B 59 -1.23 0.78 6.19
C GLU B 59 -1.42 -0.32 5.15
N HIS B 60 -0.89 -0.09 3.94
CA HIS B 60 -0.98 -1.08 2.87
C HIS B 60 -0.46 -2.45 3.30
N VAL B 61 0.75 -2.50 3.85
CA VAL B 61 1.35 -3.76 4.30
C VAL B 61 0.47 -4.48 5.31
N GLN B 62 0.07 -3.75 6.35
CA GLN B 62 -0.81 -4.28 7.38
C GLN B 62 -2.01 -4.96 6.74
N GLU B 63 -2.76 -4.18 5.94
CA GLU B 63 -3.96 -4.71 5.32
C GLU B 63 -3.65 -5.89 4.41
N LEU B 64 -2.51 -5.83 3.70
CA LEU B 64 -2.09 -6.93 2.85
C LEU B 64 -2.01 -8.23 3.65
N SER B 65 -1.12 -8.26 4.64
CA SER B 65 -0.93 -9.47 5.44
C SER B 65 -2.24 -9.93 6.10
N LYS B 66 -2.88 -8.99 6.80
CA LYS B 66 -4.11 -9.29 7.52
C LYS B 66 -5.16 -9.92 6.59
N GLN B 67 -5.39 -9.30 5.45
CA GLN B 67 -6.39 -9.79 4.51
C GLN B 67 -5.99 -11.12 3.88
N TYR B 68 -4.71 -11.26 3.55
CA TYR B 68 -4.22 -12.51 2.96
C TYR B 68 -4.52 -13.68 3.89
N LYS B 69 -4.14 -13.55 5.16
CA LYS B 69 -4.27 -14.66 6.10
C LYS B 69 -5.72 -14.98 6.50
N HIS B 70 -6.69 -14.23 5.98
CA HIS B 70 -8.04 -14.22 6.56
C HIS B 70 -9.06 -15.16 5.92
N PHE B 71 -8.64 -16.01 4.98
CA PHE B 71 -9.60 -16.80 4.20
C PHE B 71 -9.48 -18.31 4.36
N PHE B 72 -8.76 -18.97 3.47
CA PHE B 72 -8.81 -20.43 3.36
C PHE B 72 -8.38 -21.13 4.64
N ASN B 73 -7.09 -21.08 4.96
CA ASN B 73 -6.53 -21.73 6.15
C ASN B 73 -7.10 -23.14 6.36
N ILE B 74 -6.68 -24.08 5.53
CA ILE B 74 -7.16 -25.45 5.60
C ILE B 74 -6.08 -26.43 5.11
N ASN B 79 -10.45 -31.58 0.33
CA ASN B 79 -9.03 -31.39 0.04
C ASN B 79 -8.71 -31.62 -1.43
N SER B 80 -8.93 -30.59 -2.25
CA SER B 80 -8.64 -30.65 -3.67
C SER B 80 -7.39 -29.84 -4.01
N SER B 81 -7.07 -29.76 -5.29
CA SER B 81 -5.90 -29.03 -5.74
C SER B 81 -6.07 -27.51 -5.58
N LEU B 82 -7.22 -27.02 -6.05
CA LEU B 82 -7.49 -25.58 -6.05
C LEU B 82 -7.23 -24.95 -4.70
N LYS B 83 -7.93 -25.43 -3.67
CA LYS B 83 -7.77 -24.94 -2.30
C LYS B 83 -6.29 -24.74 -1.97
N LYS B 84 -5.52 -25.79 -2.21
CA LYS B 84 -4.07 -25.73 -2.04
C LYS B 84 -3.47 -24.57 -2.82
N MET B 85 -3.68 -24.57 -4.13
CA MET B 85 -3.07 -23.56 -5.01
C MET B 85 -3.39 -22.12 -4.56
N ILE B 86 -4.68 -21.85 -4.34
CA ILE B 86 -5.08 -20.53 -3.87
C ILE B 86 -4.37 -20.22 -2.55
N HIS B 87 -4.39 -21.19 -1.63
CA HIS B 87 -3.67 -21.03 -0.37
C HIS B 87 -2.23 -20.57 -0.63
N GLU B 88 -1.57 -21.23 -1.59
CA GLU B 88 -0.20 -20.88 -1.94
C GLU B 88 -0.06 -19.45 -2.47
N VAL B 89 -0.86 -19.07 -3.46
CA VAL B 89 -0.72 -17.72 -4.03
C VAL B 89 -0.98 -16.64 -2.97
N LEU B 90 -1.93 -16.92 -2.07
CA LEU B 90 -2.12 -16.03 -0.93
C LEU B 90 -0.84 -15.98 -0.07
N GLY B 91 -0.23 -17.15 0.14
CA GLY B 91 1.09 -17.20 0.75
C GLY B 91 2.07 -16.23 0.11
N PHE B 92 2.12 -16.26 -1.22
CA PHE B 92 2.94 -15.29 -1.96
C PHE B 92 2.61 -13.85 -1.55
N ASP B 93 1.32 -13.53 -1.52
CA ASP B 93 0.89 -12.23 -0.97
C ASP B 93 1.57 -11.94 0.38
N GLY B 94 1.54 -12.94 1.26
CA GLY B 94 2.25 -12.84 2.54
C GLY B 94 3.73 -12.46 2.40
N LYS B 95 4.45 -13.21 1.58
CA LYS B 95 5.87 -12.90 1.32
C LYS B 95 6.06 -11.44 0.89
N MET B 96 5.23 -11.01 -0.07
CA MET B 96 5.25 -9.62 -0.53
C MET B 96 5.12 -8.66 0.66
N ALA B 97 4.12 -8.92 1.51
CA ALA B 97 3.96 -8.12 2.73
C ALA B 97 5.27 -8.05 3.52
N GLN B 98 5.91 -9.20 3.73
CA GLN B 98 7.19 -9.24 4.46
C GLN B 98 8.24 -8.29 3.87
N VAL B 99 8.52 -8.45 2.57
CA VAL B 99 9.55 -7.60 1.96
C VAL B 99 9.19 -6.11 2.06
N LYS B 100 7.91 -5.78 1.82
CA LYS B 100 7.50 -4.38 1.94
C LYS B 100 7.68 -3.87 3.38
N GLN B 101 7.43 -4.73 4.37
CA GLN B 101 7.72 -4.38 5.75
C GLN B 101 9.20 -3.99 5.92
N SER B 102 10.09 -4.83 5.41
CA SER B 102 11.52 -4.48 5.42
C SER B 102 11.77 -3.07 4.85
N TYR B 103 11.21 -2.83 3.68
CA TYR B 103 11.29 -1.50 3.05
C TYR B 103 10.85 -0.36 4.00
N ILE B 104 9.69 -0.55 4.63
CA ILE B 104 9.22 0.42 5.62
C ILE B 104 10.25 0.68 6.71
N THR B 105 10.77 -0.40 7.29
CA THR B 105 11.81 -0.28 8.31
C THR B 105 12.92 0.66 7.84
N ALA B 106 13.45 0.35 6.65
CA ALA B 106 14.49 1.21 6.07
C ALA B 106 14.05 2.68 6.02
N LEU B 107 12.84 2.91 5.52
CA LEU B 107 12.30 4.28 5.48
C LEU B 107 12.30 4.98 6.85
N GLN B 108 11.80 4.29 7.86
CA GLN B 108 11.81 4.85 9.22
C GLN B 108 13.21 5.23 9.69
N LYS B 109 14.15 4.30 9.47
CA LYS B 109 15.55 4.59 9.78
C LYS B 109 16.00 5.90 9.12
N MET B 110 15.75 5.99 7.82
CA MET B 110 16.07 7.21 7.07
C MET B 110 15.48 8.46 7.74
N TYR B 111 14.20 8.37 8.10
CA TYR B 111 13.54 9.46 8.82
C TYR B 111 14.35 9.90 10.04
N SER B 112 14.64 8.95 10.91
CA SER B 112 15.42 9.26 12.11
C SER B 112 16.72 9.98 11.77
N GLU B 113 17.47 9.43 10.82
CA GLU B 113 18.73 10.03 10.39
C GLU B 113 18.57 11.49 9.95
N ILE B 114 17.66 11.74 9.01
CA ILE B 114 17.45 13.10 8.53
C ILE B 114 17.05 14.03 9.68
N SER B 115 16.18 13.55 10.56
CA SER B 115 15.76 14.33 11.72
C SER B 115 16.96 14.79 12.55
N SER B 116 17.83 13.84 12.91
CA SER B 116 19.07 14.18 13.63
C SER B 116 19.89 15.24 12.87
N LEU B 117 20.10 15.00 11.58
CA LEU B 117 20.81 15.97 10.74
C LEU B 117 20.23 17.37 10.89
N LEU B 118 18.92 17.48 10.69
CA LEU B 118 18.23 18.77 10.81
C LEU B 118 18.52 19.41 12.16
N LEU B 119 18.36 18.63 13.23
CA LEU B 119 18.65 19.14 14.57
C LEU B 119 20.05 19.76 14.66
N THR B 120 21.07 18.96 14.31
CA THR B 120 22.46 19.43 14.37
C THR B 120 22.62 20.75 13.60
N MET B 121 22.22 20.73 12.34
CA MET B 121 22.41 21.89 11.47
C MET B 121 21.72 23.13 12.03
N THR B 122 20.49 22.96 12.52
CA THR B 122 19.77 24.08 13.13
C THR B 122 20.54 24.67 14.31
N LYS B 123 20.94 23.81 15.24
CA LYS B 123 21.72 24.28 16.40
C LYS B 123 22.96 25.07 15.96
N LEU B 124 23.71 24.50 15.03
CA LEU B 124 24.90 25.17 14.52
C LEU B 124 24.58 26.55 13.91
N ARG B 125 23.59 26.59 13.02
CA ARG B 125 23.18 27.85 12.42
C ARG B 125 22.88 28.89 13.49
N LYS B 126 22.06 28.51 14.46
CA LYS B 126 21.76 29.38 15.59
C LYS B 126 23.04 29.96 16.19
N SER B 127 23.91 29.06 16.67
CA SER B 127 25.15 29.49 17.32
C SER B 127 25.95 30.49 16.47
N VAL B 128 26.25 30.09 15.24
CA VAL B 128 27.06 30.93 14.36
C VAL B 128 26.43 32.30 14.15
N LYS B 129 25.13 32.30 13.81
CA LYS B 129 24.41 33.54 13.60
C LYS B 129 24.55 34.49 14.78
N GLU B 130 24.24 33.99 15.97
CA GLU B 130 24.36 34.81 17.19
C GLU B 130 25.77 35.39 17.33
N ASN B 131 26.78 34.54 17.15
CA ASN B 131 28.17 35.01 17.22
C ASN B 131 28.40 36.19 16.26
N SER B 132 28.07 35.97 14.98
CA SER B 132 28.19 37.02 13.97
C SER B 132 27.53 38.32 14.41
N LYS B 133 26.26 38.21 14.79
CA LYS B 133 25.50 39.36 15.29
C LYS B 133 26.26 40.08 16.39
N ARG B 134 26.70 39.30 17.38
CA ARG B 134 27.46 39.87 18.50
C ARG B 134 28.69 40.67 18.07
N LEU B 135 29.52 40.06 17.23
CA LEU B 135 30.73 40.76 16.77
C LEU B 135 30.39 42.05 15.99
N GLU B 136 29.44 41.94 15.06
CA GLU B 136 28.97 43.12 14.35
C GLU B 136 28.51 44.21 15.33
N LYS B 137 27.76 43.81 16.34
CA LYS B 137 27.32 44.73 17.38
C LYS B 137 28.51 45.42 18.02
N ASP B 138 29.50 44.65 18.46
CA ASP B 138 30.71 45.22 19.05
C ASP B 138 31.32 46.31 18.17
N VAL B 139 31.51 45.99 16.88
CA VAL B 139 31.99 47.00 15.93
C VAL B 139 31.09 48.25 15.95
N SER B 140 29.78 48.04 15.81
CA SER B 140 28.82 49.14 15.80
C SER B 140 28.92 50.00 17.06
N ASP B 141 29.10 49.36 18.21
CA ASP B 141 29.21 50.06 19.48
C ASP B 141 30.46 50.93 19.49
N ALA B 142 31.57 50.36 19.03
CA ALA B 142 32.80 51.15 18.89
C ALA B 142 32.57 52.39 18.02
N ILE B 143 31.98 52.19 16.84
CA ILE B 143 31.64 53.32 15.96
C ILE B 143 30.80 54.36 16.71
N HIS B 144 29.76 53.88 17.40
CA HIS B 144 28.90 54.76 18.19
C HIS B 144 29.71 55.61 19.17
N SER B 145 30.55 54.95 19.95
CA SER B 145 31.41 55.65 20.91
C SER B 145 32.24 56.73 20.23
N ALA B 146 32.83 56.38 19.09
CA ALA B 146 33.58 57.37 18.30
C ALA B 146 32.69 58.56 17.95
N GLU B 147 31.50 58.29 17.43
CA GLU B 147 30.55 59.35 17.07
C GLU B 147 30.23 60.24 18.28
N LYS B 148 30.04 59.62 19.43
CA LYS B 148 29.80 60.37 20.67
C LYS B 148 30.97 61.33 20.98
N ALA B 149 32.18 60.78 21.03
CA ALA B 149 33.37 61.60 21.27
C ALA B 149 33.46 62.76 20.27
N GLN B 150 33.19 62.45 19.00
CA GLN B 150 33.13 63.47 17.96
C GLN B 150 32.14 64.59 18.31
N SER B 151 30.92 64.20 18.65
CA SER B 151 29.89 65.16 19.03
C SER B 151 30.37 66.06 20.18
N ARG B 152 30.91 65.45 21.23
CA ARG B 152 31.44 66.21 22.37
C ARG B 152 32.50 67.23 21.93
N TYR B 153 33.50 66.74 21.20
CA TYR B 153 34.56 67.58 20.68
C TYR B 153 34.02 68.77 19.90
N ASN B 154 33.19 68.49 18.90
CA ASN B 154 32.60 69.54 18.08
C ASN B 154 31.76 70.52 18.91
N SER B 155 31.05 70.00 19.89
CA SER B 155 30.29 70.84 20.81
C SER B 155 31.21 71.83 21.53
N LEU B 156 32.24 71.31 22.19
CA LEU B 156 33.16 72.18 22.92
C LEU B 156 33.84 73.20 21.99
N CYS B 157 34.19 72.75 20.78
CA CYS B 157 34.73 73.68 19.80
C CYS B 157 33.72 74.79 19.47
N GLN B 158 32.46 74.39 19.29
CA GLN B 158 31.38 75.35 19.09
C GLN B 158 31.34 76.35 20.24
N ASP B 159 31.42 75.85 21.47
CA ASP B 159 31.44 76.72 22.65
C ASP B 159 32.61 77.70 22.61
N TRP B 160 33.81 77.22 22.29
CA TRP B 160 34.97 78.08 22.14
C TRP B 160 34.72 79.18 21.10
N ASP B 161 34.38 78.76 19.88
CA ASP B 161 34.21 79.69 18.77
C ASP B 161 33.09 80.69 19.07
N LYS B 162 32.10 80.25 19.84
CA LYS B 162 31.05 81.13 20.31
C LYS B 162 31.55 82.03 21.45
N LEU B 163 32.45 81.48 22.27
CA LEU B 163 32.96 82.21 23.43
C LEU B 163 33.83 83.38 23.02
N ARG B 164 34.74 83.17 22.07
CA ARG B 164 35.64 84.25 21.66
C ARG B 164 34.89 85.37 20.92
N MET B 165 33.57 85.25 20.79
CA MET B 165 32.73 86.33 20.30
C MET B 165 32.26 87.21 21.47
N THR B 166 32.65 86.83 22.68
CA THR B 166 32.35 87.60 23.89
C THR B 166 33.56 88.46 24.26
N ASP B 167 33.31 89.72 24.59
CA ASP B 167 34.38 90.67 24.90
C ASP B 167 34.82 90.56 26.36
N THR B 171 35.64 91.28 30.31
CA THR B 171 34.60 91.17 31.34
C THR B 171 34.91 89.82 31.98
N LYS B 172 34.61 89.66 33.26
CA LYS B 172 34.98 88.42 33.95
C LYS B 172 33.80 87.79 34.69
N LEU B 173 33.82 86.45 34.75
CA LEU B 173 32.82 85.67 35.47
C LEU B 173 33.47 84.96 36.65
N THR B 174 32.76 84.89 37.76
CA THR B 174 33.27 84.27 38.97
C THR B 174 32.69 82.87 39.16
N LEU B 175 33.58 81.90 39.43
CA LEU B 175 33.16 80.52 39.62
C LEU B 175 34.11 79.79 40.56
N ARG B 176 35.12 79.13 40.01
CA ARG B 176 36.09 78.39 40.81
C ARG B 176 36.79 79.33 41.78
N GLY B 177 37.69 80.15 41.24
CA GLY B 177 38.27 81.25 41.97
C GLY B 177 37.51 82.51 41.63
N SER B 178 37.85 83.10 40.47
CA SER B 178 37.15 84.28 39.94
C SER B 178 37.83 84.71 38.65
N LYS B 179 37.03 85.09 37.65
CA LYS B 179 37.56 85.48 36.35
C LYS B 179 38.22 84.28 35.65
N THR B 180 38.69 84.41 34.41
CA THR B 180 38.55 85.60 33.57
C THR B 180 38.32 85.12 32.14
N THR B 181 38.21 86.03 31.18
CA THR B 181 38.07 85.64 29.78
C THR B 181 39.25 84.79 29.31
N LYS B 182 40.46 85.27 29.56
CA LYS B 182 41.67 84.56 29.15
C LYS B 182 41.77 83.19 29.83
N GLU B 183 41.57 83.17 31.14
CA GLU B 183 41.63 81.94 31.91
C GLU B 183 40.56 80.95 31.45
N GLN B 184 39.35 81.46 31.21
CA GLN B 184 38.28 80.65 30.66
C GLN B 184 38.70 80.08 29.31
N GLU B 185 39.32 80.92 28.49
CA GLU B 185 39.85 80.48 27.21
C GLU B 185 40.84 79.32 27.38
N GLU B 186 41.86 79.52 28.20
CA GLU B 186 42.86 78.47 28.45
C GLU B 186 42.22 77.17 28.96
N GLU B 187 41.36 77.31 29.96
CA GLU B 187 40.63 76.17 30.51
C GLU B 187 39.89 75.40 29.42
N LEU B 188 39.09 76.14 28.64
CA LEU B 188 38.32 75.53 27.56
C LEU B 188 39.25 74.87 26.53
N LEU B 189 40.38 75.52 26.27
CA LEU B 189 41.40 74.94 25.38
C LEU B 189 41.85 73.57 25.90
N ARG B 190 42.16 73.52 27.18
CA ARG B 190 42.49 72.26 27.85
C ARG B 190 41.40 71.22 27.63
N LYS B 191 40.16 71.60 27.96
CA LYS B 191 39.02 70.70 27.77
C LYS B 191 38.95 70.16 26.34
N ILE B 192 39.05 71.05 25.36
CA ILE B 192 38.95 70.65 23.96
C ILE B 192 40.11 69.74 23.57
N ASP B 193 41.31 70.02 24.07
CA ASP B 193 42.44 69.12 23.84
C ASP B 193 42.12 67.72 24.35
N ASN B 194 41.64 67.62 25.59
CA ASN B 194 41.22 66.33 26.13
C ASN B 194 40.18 65.64 25.26
N ALA B 195 39.11 66.37 24.94
CA ALA B 195 38.06 65.86 24.07
C ALA B 195 38.61 65.39 22.71
N ASP B 196 39.60 66.11 22.22
CA ASP B 196 40.23 65.79 20.93
C ASP B 196 41.01 64.48 21.00
N LEU B 197 41.83 64.34 22.05
CA LEU B 197 42.54 63.08 22.27
C LEU B 197 41.55 61.91 22.38
N GLU B 198 40.51 62.10 23.19
CA GLU B 198 39.46 61.08 23.32
C GLU B 198 38.90 60.71 21.94
N TYR B 199 38.49 61.73 21.20
CA TYR B 199 38.01 61.58 19.83
C TYR B 199 38.94 60.68 19.02
N LYS B 200 40.16 61.13 18.81
CA LYS B 200 41.13 60.38 18.00
C LYS B 200 41.25 58.93 18.47
N GLN B 201 41.46 58.76 19.78
CA GLN B 201 41.58 57.42 20.38
C GLN B 201 40.41 56.52 19.98
N LYS B 202 39.19 56.98 20.25
CA LYS B 202 38.02 56.16 20.00
C LYS B 202 37.79 55.93 18.49
N VAL B 203 38.16 56.90 17.67
CA VAL B 203 38.13 56.69 16.22
C VAL B 203 39.03 55.53 15.84
N ASP B 204 40.30 55.60 16.28
CA ASP B 204 41.25 54.52 15.98
C ASP B 204 40.75 53.18 16.48
N HIS B 205 40.24 53.17 17.72
CA HIS B 205 39.62 51.98 18.29
C HIS B 205 38.55 51.41 17.34
N SER B 206 37.62 52.26 16.96
CA SER B 206 36.55 51.89 16.02
C SER B 206 37.11 51.28 14.74
N ASN B 207 37.95 52.02 14.05
CA ASN B 207 38.47 51.58 12.77
C ASN B 207 39.27 50.29 12.88
N SER B 208 40.03 50.15 13.97
CA SER B 208 40.79 48.93 14.20
C SER B 208 39.85 47.73 14.36
N LEU B 209 38.86 47.87 15.24
CA LEU B 209 37.86 46.81 15.41
C LEU B 209 37.21 46.45 14.08
N ARG B 210 36.78 47.46 13.34
CA ARG B 210 36.17 47.26 12.03
C ARG B 210 37.07 46.46 11.10
N ASN B 211 38.31 46.92 10.93
CA ASN B 211 39.26 46.23 10.07
C ASN B 211 39.47 44.78 10.49
N THR B 212 39.71 44.57 11.78
CA THR B 212 39.91 43.21 12.29
C THR B 212 38.69 42.34 12.01
N PHE B 213 37.49 42.90 12.19
CA PHE B 213 36.28 42.16 11.87
C PHE B 213 36.22 41.79 10.39
N ILE B 214 36.38 42.79 9.52
CA ILE B 214 36.24 42.58 8.08
C ILE B 214 37.28 41.61 7.52
N THR B 215 38.53 41.77 7.95
CA THR B 215 39.63 41.02 7.34
C THR B 215 39.81 39.60 7.87
N LYS B 216 39.43 39.36 9.12
CA LYS B 216 39.73 38.09 9.78
C LYS B 216 38.48 37.25 10.11
N GLU B 217 37.60 37.78 10.95
CA GLU B 217 36.47 37.02 11.47
C GLU B 217 35.41 36.69 10.41
N ARG B 218 34.99 37.71 9.67
CA ARG B 218 33.93 37.57 8.69
C ARG B 218 34.22 36.46 7.68
N PRO B 219 35.44 36.42 7.12
CA PRO B 219 35.80 35.30 6.25
C PRO B 219 35.60 33.93 6.91
N ARG B 220 36.03 33.79 8.17
CA ARG B 220 35.87 32.53 8.88
C ARG B 220 34.39 32.17 9.00
N ILE B 221 33.58 33.16 9.34
CA ILE B 221 32.12 32.95 9.40
C ILE B 221 31.56 32.47 8.05
N VAL B 222 31.87 33.21 6.99
CA VAL B 222 31.42 32.83 5.65
C VAL B 222 31.82 31.39 5.34
N GLN B 223 33.10 31.11 5.55
CA GLN B 223 33.65 29.77 5.35
C GLN B 223 32.80 28.72 6.06
N GLU B 224 32.60 28.92 7.36
CA GLU B 224 31.80 28.00 8.15
C GLU B 224 30.41 27.78 7.56
N LEU B 225 29.71 28.89 7.26
CA LEU B 225 28.37 28.79 6.69
C LEU B 225 28.35 27.99 5.38
N LYS B 226 29.26 28.33 4.46
CA LYS B 226 29.36 27.59 3.21
C LYS B 226 29.57 26.10 3.46
N ASP B 227 30.55 25.79 4.30
CA ASP B 227 30.84 24.40 4.64
C ASP B 227 29.60 23.69 5.18
N LEU B 228 28.90 24.32 6.11
CA LEU B 228 27.68 23.74 6.65
C LEU B 228 26.66 23.46 5.54
N ILE B 229 26.38 24.47 4.72
CA ILE B 229 25.43 24.32 3.62
C ILE B 229 25.78 23.10 2.75
N LEU B 230 27.02 23.06 2.28
CA LEU B 230 27.43 21.95 1.43
C LEU B 230 27.31 20.62 2.18
N GLU B 231 27.69 20.61 3.45
CA GLU B 231 27.56 19.42 4.27
C GLU B 231 26.11 18.90 4.27
N ILE B 232 25.18 19.74 4.73
CA ILE B 232 23.79 19.31 4.84
C ILE B 232 23.23 18.89 3.48
N ASP B 233 23.47 19.69 2.46
CA ASP B 233 22.88 19.38 1.15
C ASP B 233 23.44 18.07 0.58
N THR B 234 24.76 17.90 0.64
CA THR B 234 25.37 16.65 0.19
C THR B 234 24.77 15.46 0.95
N ALA B 235 24.73 15.58 2.28
CA ALA B 235 24.12 14.55 3.12
C ALA B 235 22.71 14.22 2.65
N MET B 236 21.90 15.23 2.44
CA MET B 236 20.53 14.98 1.99
C MET B 236 20.50 14.32 0.60
N THR B 237 21.40 14.70 -0.29
CA THR B 237 21.48 14.02 -1.58
C THR B 237 21.79 12.53 -1.43
N ILE B 238 22.82 12.19 -0.65
CA ILE B 238 23.12 10.77 -0.46
C ILE B 238 21.89 10.10 0.13
N GLN B 239 21.18 10.83 1.01
CA GLN B 239 19.92 10.32 1.55
C GLN B 239 18.90 10.02 0.44
N LEU B 240 18.75 10.95 -0.50
CA LEU B 240 17.88 10.73 -1.66
C LEU B 240 18.26 9.44 -2.38
N GLN B 241 19.55 9.30 -2.66
CA GLN B 241 20.05 8.10 -3.32
C GLN B 241 19.74 6.84 -2.50
N LYS B 242 19.88 6.94 -1.17
CA LYS B 242 19.49 5.85 -0.28
C LYS B 242 18.03 5.47 -0.49
N TYR B 243 17.15 6.46 -0.46
CA TYR B 243 15.72 6.24 -0.74
C TYR B 243 15.52 5.51 -2.07
N THR B 244 16.21 5.97 -3.10
CA THR B 244 16.14 5.32 -4.40
C THR B 244 16.51 3.83 -4.31
N ILE B 245 17.69 3.55 -3.76
CA ILE B 245 18.13 2.17 -3.65
C ILE B 245 17.17 1.35 -2.79
N TRP B 246 16.57 1.97 -1.77
CA TRP B 246 15.54 1.30 -0.97
C TRP B 246 14.39 0.86 -1.86
N THR B 247 13.84 1.79 -2.63
CA THR B 247 12.74 1.45 -3.54
C THR B 247 13.15 0.34 -4.52
N GLU B 248 14.30 0.50 -5.15
CA GLU B 248 14.80 -0.51 -6.07
C GLU B 248 14.84 -1.89 -5.41
N ASN B 249 15.46 -1.94 -4.24
CA ASN B 249 15.51 -3.16 -3.44
C ASN B 249 14.13 -3.76 -3.22
N LEU B 250 13.20 -2.92 -2.77
CA LEU B 250 11.81 -3.35 -2.58
C LEU B 250 11.28 -4.05 -3.82
N VAL B 251 11.19 -3.31 -4.92
CA VAL B 251 10.53 -3.83 -6.12
C VAL B 251 11.24 -5.08 -6.63
N LEU B 252 12.57 -5.04 -6.66
CA LEU B 252 13.36 -6.20 -7.08
C LEU B 252 13.06 -7.40 -6.20
N ASN B 253 12.97 -7.19 -4.90
CA ASN B 253 12.71 -8.28 -3.96
C ASN B 253 11.31 -8.86 -4.08
N THR B 254 10.29 -8.02 -4.23
CA THR B 254 8.95 -8.54 -4.48
C THR B 254 8.97 -9.36 -5.77
N GLY B 255 9.63 -8.78 -6.79
CA GLY B 255 9.81 -9.46 -8.06
C GLY B 255 10.40 -10.85 -7.89
N VAL B 256 11.52 -10.94 -7.17
CA VAL B 256 12.15 -12.24 -6.97
C VAL B 256 11.35 -13.07 -5.95
N THR B 257 10.51 -12.42 -5.17
CA THR B 257 9.65 -13.15 -4.23
C THR B 257 8.64 -13.98 -5.01
N ILE B 258 7.88 -13.34 -5.90
CA ILE B 258 6.82 -14.06 -6.61
C ILE B 258 7.31 -15.02 -7.70
N SER B 259 8.58 -14.90 -8.09
CA SER B 259 9.16 -15.78 -9.09
C SER B 259 10.59 -16.19 -8.70
N PRO B 260 10.71 -17.07 -7.69
CA PRO B 260 12.00 -17.39 -7.07
C PRO B 260 13.00 -18.03 -8.01
N LEU B 261 14.27 -18.06 -7.59
CA LEU B 261 15.34 -18.60 -8.40
C LEU B 261 15.56 -20.09 -8.12
N SER B 263 12.41 -21.07 -9.59
CA SER B 263 12.23 -22.39 -9.02
C SER B 263 10.91 -23.02 -9.43
N THR B 264 10.67 -24.23 -8.94
CA THR B 264 9.41 -24.93 -9.19
C THR B 264 8.35 -24.42 -8.24
N LYS B 265 8.75 -23.59 -7.28
CA LYS B 265 7.86 -23.09 -6.24
C LYS B 265 7.35 -21.69 -6.55
N SER B 266 7.38 -21.30 -7.82
CA SER B 266 6.88 -19.99 -8.22
C SER B 266 5.36 -19.96 -8.18
N MET B 267 4.78 -18.81 -8.51
CA MET B 267 3.34 -18.63 -8.43
C MET B 267 2.65 -19.19 -9.67
N LYS B 268 3.22 -18.89 -10.84
CA LYS B 268 2.70 -19.41 -12.09
C LYS B 268 2.72 -20.93 -12.06
N SER B 269 3.73 -21.48 -11.38
CA SER B 269 3.87 -22.92 -11.24
C SER B 269 2.70 -23.52 -10.47
N PHE B 270 2.34 -22.91 -9.36
CA PHE B 270 1.20 -23.35 -8.58
C PHE B 270 -0.09 -23.17 -9.37
N ALA B 271 -0.34 -21.95 -9.84
CA ALA B 271 -1.57 -21.66 -10.56
C ALA B 271 -1.70 -22.54 -11.80
N GLY B 272 -0.58 -22.87 -12.43
CA GLY B 272 -0.58 -23.69 -13.62
C GLY B 272 -0.99 -25.13 -13.35
N SER B 273 -0.43 -25.72 -12.31
CA SER B 273 -0.61 -27.14 -12.03
C SER B 273 -1.86 -27.42 -11.21
N VAL B 274 -2.87 -28.01 -11.85
CA VAL B 274 -4.13 -28.34 -11.19
C VAL B 274 -4.70 -29.66 -11.73
N SER B 275 -5.37 -30.40 -10.87
CA SER B 275 -5.89 -31.72 -11.20
C SER B 275 -7.24 -31.66 -11.94
N ASN B 276 -8.25 -31.15 -11.25
CA ASN B 276 -9.60 -31.01 -11.81
C ASN B 276 -10.24 -32.35 -12.20
N GLU B 277 -9.81 -32.92 -13.33
CA GLU B 277 -10.38 -34.19 -13.77
C GLU B 277 -9.91 -35.33 -12.87
N ARG B 278 -8.60 -35.38 -12.64
CA ARG B 278 -7.98 -36.47 -11.88
C ARG B 278 -8.55 -36.58 -10.47
N ASP B 279 -8.55 -35.47 -9.74
CA ASP B 279 -9.00 -35.50 -8.34
C ASP B 279 -10.52 -35.66 -8.27
N LEU B 280 -11.21 -35.37 -9.37
CA LEU B 280 -12.63 -35.67 -9.44
C LEU B 280 -12.83 -37.16 -9.60
N TYR B 281 -12.02 -37.77 -10.47
CA TYR B 281 -12.01 -39.23 -10.56
C TYR B 281 -11.71 -39.82 -9.19
N SER B 282 -10.72 -39.25 -8.52
CA SER B 282 -10.40 -39.65 -7.15
C SER B 282 -11.63 -39.54 -6.26
N PHE B 283 -12.29 -38.38 -6.33
CA PHE B 283 -13.49 -38.13 -5.54
C PHE B 283 -14.56 -39.19 -5.76
N LEU B 284 -14.81 -39.54 -7.03
CA LEU B 284 -15.81 -40.56 -7.36
C LEU B 284 -15.35 -41.96 -6.94
N ASN B 285 -14.20 -42.39 -7.45
CA ASN B 285 -13.63 -43.69 -7.11
C ASN B 285 -13.46 -43.86 -5.59
N LYS B 286 -13.33 -42.74 -4.88
CA LYS B 286 -13.23 -42.77 -3.42
C LYS B 286 -14.50 -43.31 -2.75
N TYR B 287 -15.64 -43.14 -3.41
CA TYR B 287 -16.92 -43.55 -2.83
C TYR B 287 -17.02 -45.05 -2.63
N ASN B 288 -16.19 -45.81 -3.35
CA ASN B 288 -16.11 -47.25 -3.17
C ASN B 288 -15.42 -47.60 -1.85
N SER B 294 -20.50 -50.79 3.20
CA SER B 294 -19.86 -50.68 1.88
C SER B 294 -20.32 -49.42 1.14
N LEU B 295 -21.39 -49.56 0.35
CA LEU B 295 -21.94 -48.44 -0.40
C LEU B 295 -23.42 -48.27 -0.07
N LEU B 296 -23.84 -47.01 0.08
CA LEU B 296 -25.22 -46.72 0.45
C LEU B 296 -26.17 -46.92 -0.72
N ILE B 297 -27.12 -47.85 -0.56
CA ILE B 297 -28.15 -48.08 -1.56
C ILE B 297 -29.49 -47.64 -0.98
N ASN B 298 -30.34 -47.06 -1.82
CA ASN B 298 -31.56 -46.43 -1.37
C ASN B 298 -32.67 -47.43 -1.07
N LYS B 299 -33.15 -47.42 0.17
CA LYS B 299 -34.22 -48.32 0.59
C LYS B 299 -35.54 -47.94 -0.08
N ASN B 300 -35.63 -46.69 -0.53
CA ASN B 300 -36.85 -46.20 -1.17
C ASN B 300 -36.96 -46.64 -2.63
N LEU B 301 -35.85 -47.01 -3.24
CA LEU B 301 -35.82 -47.36 -4.65
C LEU B 301 -35.58 -48.87 -4.89
N ILE B 302 -35.79 -49.67 -3.86
CA ILE B 302 -35.80 -51.12 -4.04
C ILE B 302 -37.01 -51.48 -4.90
N PRO B 303 -36.79 -52.22 -6.01
CA PRO B 303 -37.93 -52.53 -6.87
C PRO B 303 -38.88 -53.54 -6.25
N VAL B 304 -40.09 -53.63 -6.79
CA VAL B 304 -41.11 -54.55 -6.28
C VAL B 304 -41.44 -55.62 -7.32
N SER B 305 -41.60 -56.86 -6.85
CA SER B 305 -41.92 -57.98 -7.73
C SER B 305 -43.34 -58.47 -7.48
N TYR B 306 -43.99 -58.95 -8.55
CA TYR B 306 -45.34 -59.52 -8.45
C TYR B 306 -45.29 -61.04 -8.45
N LYS B 307 -45.73 -61.63 -7.35
CA LYS B 307 -45.86 -63.09 -7.22
C LYS B 307 -47.26 -63.44 -6.73
N LYS B 308 -47.95 -64.30 -7.46
CA LYS B 308 -49.31 -64.68 -7.12
C LYS B 308 -49.37 -65.56 -5.87
N HIS B 309 -50.49 -66.24 -5.67
CA HIS B 309 -50.68 -67.06 -4.48
C HIS B 309 -51.64 -68.24 -4.78
N PRO B 310 -51.27 -69.46 -4.38
CA PRO B 310 -52.15 -70.60 -4.65
C PRO B 310 -53.48 -70.52 -3.91
C1 IHP C . -29.01 -27.11 1.40
C2 IHP C . -30.38 -26.76 1.98
C3 IHP C . -30.63 -27.61 3.22
C4 IHP C . -29.54 -27.33 4.27
C5 IHP C . -28.18 -27.68 3.68
C6 IHP C . -27.93 -26.83 2.43
O11 IHP C . -28.78 -26.31 0.23
P1 IHP C . -28.53 -26.95 -1.23
O21 IHP C . -29.65 -27.84 -1.57
O31 IHP C . -27.15 -27.79 -1.22
O41 IHP C . -28.43 -25.77 -2.32
O12 IHP C . -31.40 -27.03 1.01
P2 IHP C . -32.39 -25.89 0.45
O22 IHP C . -33.48 -26.57 -0.52
O32 IHP C . -33.07 -25.22 1.57
O42 IHP C . -31.54 -24.80 -0.37
O13 IHP C . -30.60 -29.00 2.87
P3 IHP C . -31.85 -29.99 3.09
O23 IHP C . -33.05 -29.42 2.41
O33 IHP C . -31.52 -31.43 2.45
O43 IHP C . -32.15 -30.14 4.66
O14 IHP C . -29.78 -28.13 5.43
P4 IHP C . -30.03 -27.49 6.89
O24 IHP C . -28.70 -26.73 7.38
O34 IHP C . -31.15 -26.54 6.83
O44 IHP C . -30.38 -28.67 7.93
O15 IHP C . -27.16 -27.42 4.64
P5 IHP C . -26.17 -28.55 5.21
O25 IHP C . -25.24 -29.10 4.01
O35 IHP C . -25.24 -27.93 6.38
O45 IHP C . -26.97 -29.68 5.76
O16 IHP C . -26.65 -27.15 1.88
P6 IHP C . -25.46 -26.08 1.72
O26 IHP C . -24.22 -26.75 0.95
O36 IHP C . -25.96 -24.92 0.93
O46 IHP C . -24.98 -25.57 3.17
C1 IHP D . 12.33 36.19 12.03
C2 IHP D . 13.59 36.46 11.21
C3 IHP D . 14.79 35.83 11.90
C4 IHP D . 14.59 34.33 12.02
C5 IHP D . 13.32 34.04 12.84
C6 IHP D . 12.12 34.67 12.15
O11 IHP D . 11.20 36.77 11.38
P1 IHP D . 10.28 37.89 12.08
O21 IHP D . 11.13 39.03 12.51
O31 IHP D . 9.53 37.26 13.35
O41 IHP D . 9.18 38.42 11.02
O12 IHP D . 13.79 37.87 11.09
P2 IHP D . 13.83 38.65 9.69
O22 IHP D . 14.19 40.19 9.93
O32 IHP D . 14.84 38.03 8.81
O42 IHP D . 12.38 38.54 8.98
O13 IHP D . 14.94 36.40 13.21
P3 IHP D . 16.27 37.19 13.68
O23 IHP D . 16.54 38.29 12.72
O33 IHP D . 16.04 37.80 15.15
O43 IHP D . 17.52 36.18 13.70
O14 IHP D . 15.72 33.73 12.67
P4 IHP D . 16.63 32.61 11.98
O24 IHP D . 15.77 31.27 11.73
O34 IHP D . 17.14 33.11 10.67
O44 IHP D . 17.89 32.27 12.93
O15 IHP D . 13.13 32.63 12.96
P5 IHP D . 13.09 31.87 14.37
O25 IHP D . 11.82 32.35 15.21
O35 IHP D . 12.99 30.27 14.11
O45 IHP D . 14.33 32.16 15.13
O16 IHP D . 10.94 34.42 12.91
P6 IHP D . 9.68 33.60 12.33
O26 IHP D . 8.48 33.62 13.42
O36 IHP D . 9.21 34.24 11.09
O46 IHP D . 10.11 32.09 12.03
#